data_4H96
#
_entry.id   4H96
#
_cell.length_a   118.665
_cell.length_b   118.665
_cell.length_c   39.331
_cell.angle_alpha   90.00
_cell.angle_beta   90.00
_cell.angle_gamma   90.00
#
_symmetry.space_group_name_H-M   'P 21 21 2'
#
loop_
_entity.id
_entity.type
_entity.pdbx_description
1 polymer 'Dihydrofolate Reductase'
2 non-polymer 'NADPH DIHYDRO-NICOTINAMIDE-ADENINE-DINUCLEOTIDE PHOSPHATE'
3 non-polymer 5-{3-[3-(1,3-benzodioxol-5-yl)-5-methoxyphenyl]prop-1-yn-1-yl}-6-ethylpyrimidine-2,4-diamine
4 water water
#
_entity_poly.entity_id   1
_entity_poly.type   'polypeptide(L)'
_entity_poly.pdbx_seq_one_letter_code
;PNVAIIVAALKPALGIGYKGKMPWRLRKEIRYFKDVTTRTTKPNTRNAVIMGRKTWESIPQKFRPLPDRLNIILSRSYEN
EIIDDNIIHASSIESSLNLVSDVERVFIIGGAEIYNELINNSLVSHLLITEIEHPSPESIEMDTFLKFPLESWTKQPKSE
LQKFVGDTVLEDDIKEGDFTYNYTLWTRK
;
_entity_poly.pdbx_strand_id   A,B
#
loop_
_chem_comp.id
_chem_comp.type
_chem_comp.name
_chem_comp.formula
14Q non-polymer 5-{3-[3-(1,3-benzodioxol-5-yl)-5-methoxyphenyl]prop-1-yn-1-yl}-6-ethylpyrimidine-2,4-diamine 'C23 H22 N4 O3'
NDP non-polymer 'NADPH DIHYDRO-NICOTINAMIDE-ADENINE-DINUCLEOTIDE PHOSPHATE' 'C21 H30 N7 O17 P3'
#
# COMPACT_ATOMS: atom_id res chain seq x y z
N PRO A 1 -1.38 -21.55 -2.90
CA PRO A 1 -0.54 -20.43 -2.50
C PRO A 1 0.87 -20.88 -2.11
N ASN A 2 1.87 -20.12 -2.55
CA ASN A 2 3.28 -20.44 -2.26
C ASN A 2 3.67 -20.08 -0.84
N VAL A 3 4.14 -21.09 -0.09
CA VAL A 3 4.55 -20.90 1.30
C VAL A 3 6.07 -20.70 1.37
N ALA A 4 6.49 -19.56 1.93
CA ALA A 4 7.91 -19.21 2.03
C ALA A 4 8.27 -18.72 3.43
N ILE A 5 9.54 -18.91 3.80
CA ILE A 5 10.05 -18.48 5.11
C ILE A 5 11.00 -17.30 4.94
N ILE A 6 10.66 -16.17 5.56
CA ILE A 6 11.51 -14.98 5.57
C ILE A 6 12.12 -14.75 6.95
N VAL A 7 13.45 -14.63 6.99
CA VAL A 7 14.19 -14.51 8.25
C VAL A 7 15.49 -13.73 8.08
N ALA A 8 15.90 -13.03 9.14
CA ALA A 8 17.18 -12.34 9.18
C ALA A 8 18.08 -12.98 10.23
N ALA A 9 19.20 -13.54 9.78
CA ALA A 9 20.11 -14.29 10.66
C ALA A 9 21.56 -13.83 10.55
N LEU A 10 22.28 -13.94 11.66
CA LEU A 10 23.69 -13.56 11.74
C LEU A 10 24.59 -14.78 11.60
N LYS A 11 25.44 -14.79 10.58
CA LYS A 11 26.37 -15.89 10.31
C LYS A 11 27.50 -15.94 11.34
N PRO A 12 28.06 -17.14 11.61
CA PRO A 12 27.66 -18.44 11.04
C PRO A 12 26.69 -19.24 11.90
N ALA A 13 26.41 -18.75 13.11
CA ALA A 13 25.56 -19.47 14.07
C ALA A 13 24.07 -19.34 13.78
N LEU A 14 23.72 -18.43 12.86
CA LEU A 14 22.33 -18.16 12.47
C LEU A 14 21.44 -17.73 13.63
N GLY A 15 21.95 -16.81 14.45
CA GLY A 15 21.20 -16.25 15.57
C GLY A 15 20.12 -15.28 15.12
N ILE A 16 19.08 -15.14 15.92
CA ILE A 16 17.94 -14.29 15.56
C ILE A 16 17.48 -13.35 16.68
N GLY A 17 17.62 -13.78 17.92
CA GLY A 17 17.14 -12.99 19.06
C GLY A 17 17.89 -13.19 20.36
N TYR A 18 17.73 -12.24 21.28
CA TYR A 18 18.31 -12.31 22.61
C TYR A 18 17.30 -11.81 23.66
N LYS A 19 17.06 -12.64 24.67
CA LYS A 19 16.10 -12.37 25.75
C LYS A 19 14.68 -12.09 25.27
N GLY A 20 14.29 -12.75 24.17
CA GLY A 20 12.92 -12.65 23.65
C GLY A 20 12.72 -11.65 22.53
N LYS A 21 13.72 -10.81 22.28
CA LYS A 21 13.63 -9.78 21.24
C LYS A 21 14.86 -9.70 20.34
N MET A 22 14.71 -9.02 19.19
CA MET A 22 15.77 -8.88 18.21
CA MET A 22 15.77 -8.88 18.21
C MET A 22 16.91 -8.00 18.72
N PRO A 23 18.17 -8.45 18.54
CA PRO A 23 19.31 -7.65 19.03
C PRO A 23 19.88 -6.68 17.99
N TRP A 24 19.14 -6.43 16.92
CA TRP A 24 19.52 -5.45 15.91
C TRP A 24 18.33 -4.74 15.30
N ARG A 25 18.53 -3.49 14.88
CA ARG A 25 17.50 -2.71 14.22
C ARG A 25 18.03 -2.14 12.91
N LEU A 26 17.75 -2.85 11.82
CA LEU A 26 18.22 -2.46 10.49
C LEU A 26 17.09 -1.80 9.70
N ARG A 27 17.30 -0.53 9.34
CA ARG A 27 16.26 0.30 8.71
C ARG A 27 15.88 -0.14 7.30
N LYS A 28 16.88 -0.48 6.49
CA LYS A 28 16.65 -0.89 5.10
C LYS A 28 16.11 -2.32 4.99
N GLU A 29 16.38 -3.13 6.02
CA GLU A 29 15.91 -4.52 6.05
C GLU A 29 14.41 -4.58 6.37
N ILE A 30 13.94 -3.68 7.23
CA ILE A 30 12.53 -3.56 7.56
C ILE A 30 11.73 -3.10 6.33
N ARG A 31 12.31 -2.20 5.55
CA ARG A 31 11.73 -1.71 4.30
C ARG A 31 11.61 -2.85 3.28
N TYR A 32 12.61 -3.73 3.25
CA TYR A 32 12.60 -4.93 2.41
C TYR A 32 11.54 -5.91 2.89
N PHE A 33 11.41 -6.04 4.21
CA PHE A 33 10.43 -6.93 4.84
C PHE A 33 8.99 -6.52 4.51
N LYS A 34 8.75 -5.20 4.48
CA LYS A 34 7.41 -4.66 4.24
C LYS A 34 7.00 -4.74 2.77
N ASP A 35 7.98 -4.64 1.86
CA ASP A 35 7.71 -4.62 0.43
C ASP A 35 7.43 -6.01 -0.16
N VAL A 36 8.23 -7.00 0.21
CA VAL A 36 8.12 -8.36 -0.33
C VAL A 36 6.85 -9.07 0.13
N THR A 37 6.52 -8.92 1.41
CA THR A 37 5.36 -9.60 2.00
C THR A 37 4.01 -8.96 1.64
N THR A 38 4.06 -7.85 0.92
CA THR A 38 2.83 -7.11 0.55
C THR A 38 2.56 -7.16 -0.96
N ARG A 39 3.62 -7.03 -1.77
CA ARG A 39 3.50 -6.96 -3.22
C ARG A 39 2.81 -8.18 -3.82
N THR A 40 1.82 -7.93 -4.68
CA THR A 40 1.07 -8.99 -5.34
C THR A 40 1.07 -8.79 -6.85
N THR A 41 1.17 -9.91 -7.59
CA THR A 41 1.18 -9.88 -9.05
C THR A 41 -0.23 -9.99 -9.63
N LYS A 42 -1.07 -10.79 -9.00
CA LYS A 42 -2.46 -11.00 -9.43
C LYS A 42 -3.36 -9.86 -8.95
N PRO A 43 -4.39 -9.50 -9.75
CA PRO A 43 -5.35 -8.47 -9.36
C PRO A 43 -6.24 -8.89 -8.20
N ASN A 44 -6.72 -7.91 -7.42
CA ASN A 44 -7.55 -8.10 -6.23
C ASN A 44 -7.17 -9.28 -5.31
N THR A 45 -5.88 -9.43 -5.06
CA THR A 45 -5.36 -10.48 -4.17
C THR A 45 -4.40 -9.90 -3.13
N ARG A 46 -4.29 -10.59 -1.99
CA ARG A 46 -3.40 -10.16 -0.91
C ARG A 46 -2.61 -11.34 -0.33
N ASN A 47 -1.41 -11.03 0.16
CA ASN A 47 -0.54 -12.05 0.77
C ASN A 47 -0.82 -12.23 2.26
N ALA A 48 -0.55 -13.44 2.75
CA ALA A 48 -0.78 -13.78 4.15
C ALA A 48 0.54 -13.99 4.90
N VAL A 49 0.55 -13.60 6.18
CA VAL A 49 1.71 -13.80 7.04
C VAL A 49 1.34 -14.64 8.28
N ILE A 50 2.08 -15.74 8.45
CA ILE A 50 1.87 -16.64 9.59
C ILE A 50 2.97 -16.44 10.62
N MET A 51 2.56 -16.20 11.87
CA MET A 51 3.49 -15.96 12.97
C MET A 51 3.13 -16.76 14.22
N GLY A 52 4.07 -16.81 15.17
CA GLY A 52 3.84 -17.45 16.46
C GLY A 52 3.10 -16.55 17.42
N ARG A 53 2.73 -17.10 18.57
CA ARG A 53 2.00 -16.35 19.61
C ARG A 53 2.92 -15.33 20.31
N LYS A 54 4.17 -15.71 20.52
CA LYS A 54 5.14 -14.86 21.19
C LYS A 54 5.62 -13.69 20.31
N THR A 55 5.63 -13.91 19.00
CA THR A 55 5.99 -12.87 18.03
C THR A 55 4.90 -11.81 17.94
N TRP A 56 3.65 -12.26 17.95
CA TRP A 56 2.47 -11.38 17.91
C TRP A 56 2.44 -10.43 19.11
N GLU A 57 2.83 -10.94 20.27
CA GLU A 57 2.87 -10.16 21.51
C GLU A 57 4.04 -9.17 21.55
N SER A 58 5.15 -9.54 20.91
CA SER A 58 6.33 -8.68 20.85
C SER A 58 6.17 -7.53 19.86
N ILE A 59 5.36 -7.77 18.82
CA ILE A 59 5.02 -6.73 17.84
C ILE A 59 4.12 -5.67 18.50
N PRO A 60 4.50 -4.38 18.36
CA PRO A 60 3.76 -3.23 18.88
C PRO A 60 2.24 -3.42 18.90
N GLN A 61 1.63 -3.19 20.07
CA GLN A 61 0.21 -3.45 20.27
C GLN A 61 -0.73 -2.48 19.54
N LYS A 62 -0.21 -1.31 19.17
CA LYS A 62 -0.98 -0.33 18.40
C LYS A 62 -0.76 -0.47 16.90
N PHE A 63 0.34 -1.10 16.51
CA PHE A 63 0.66 -1.33 15.10
C PHE A 63 0.41 -2.77 14.67
N ARG A 64 -0.56 -3.41 15.33
CA ARG A 64 -1.00 -4.76 14.97
C ARG A 64 -2.53 -4.79 14.77
N PRO A 65 -3.01 -5.58 13.79
CA PRO A 65 -2.27 -6.43 12.85
C PRO A 65 -1.52 -5.65 11.77
N LEU A 66 -0.63 -6.33 11.05
CA LEU A 66 0.13 -5.72 9.97
C LEU A 66 -0.78 -5.35 8.80
N PRO A 67 -0.77 -4.07 8.38
CA PRO A 67 -1.65 -3.55 7.32
C PRO A 67 -1.38 -4.20 5.96
N ASP A 68 -2.45 -4.29 5.15
CA ASP A 68 -2.39 -4.84 3.78
C ASP A 68 -2.04 -6.33 3.71
N ARG A 69 -1.90 -6.96 4.88
CA ARG A 69 -1.52 -8.37 4.97
C ARG A 69 -2.44 -9.14 5.91
N LEU A 70 -2.69 -10.40 5.57
CA LEU A 70 -3.50 -11.29 6.40
C LEU A 70 -2.65 -11.89 7.52
N ASN A 71 -2.94 -11.48 8.75
CA ASN A 71 -2.19 -11.92 9.92
C ASN A 71 -2.74 -13.20 10.54
N ILE A 72 -1.94 -14.26 10.51
CA ILE A 72 -2.32 -15.55 11.09
C ILE A 72 -1.41 -15.89 12.27
N ILE A 73 -2.03 -16.14 13.42
CA ILE A 73 -1.29 -16.45 14.64
C ILE A 73 -1.49 -17.93 15.01
N LEU A 74 -0.39 -18.66 15.16
CA LEU A 74 -0.43 -20.08 15.52
C LEU A 74 -0.48 -20.27 17.03
N SER A 75 -1.50 -20.99 17.49
CA SER A 75 -1.68 -21.31 18.90
C SER A 75 -2.44 -22.62 19.08
N ARG A 76 -1.95 -23.46 19.98
CA ARG A 76 -2.59 -24.74 20.27
C ARG A 76 -3.80 -24.58 21.21
N SER A 77 -3.86 -23.44 21.90
CA SER A 77 -4.95 -23.13 22.81
C SER A 77 -6.21 -22.67 22.07
N TYR A 78 -6.00 -21.85 21.03
CA TYR A 78 -7.11 -21.31 20.24
C TYR A 78 -7.54 -22.27 19.14
N GLU A 79 -8.85 -22.27 18.86
CA GLU A 79 -9.43 -23.09 17.80
C GLU A 79 -9.25 -22.44 16.44
N ASN A 80 -9.56 -23.19 15.38
CA ASN A 80 -9.53 -22.66 14.02
C ASN A 80 -10.70 -21.71 13.78
N GLU A 81 -10.47 -20.43 14.07
CA GLU A 81 -11.53 -19.43 14.03
C GLU A 81 -11.10 -18.14 13.32
N ILE A 82 -12.08 -17.42 12.77
CA ILE A 82 -11.85 -16.13 12.14
C ILE A 82 -12.46 -15.02 13.00
N ILE A 83 -11.61 -14.15 13.52
CA ILE A 83 -12.05 -13.06 14.40
C ILE A 83 -12.50 -11.85 13.57
N ASP A 84 -11.61 -11.37 12.71
CA ASP A 84 -11.92 -10.24 11.83
C ASP A 84 -11.34 -10.45 10.42
N ASP A 85 -11.28 -9.38 9.63
CA ASP A 85 -10.81 -9.45 8.25
C ASP A 85 -9.30 -9.68 8.14
N ASN A 86 -8.56 -9.28 9.18
CA ASN A 86 -7.11 -9.38 9.16
C ASN A 86 -6.52 -10.42 10.12
N ILE A 87 -7.20 -10.64 11.25
CA ILE A 87 -6.70 -11.55 12.29
C ILE A 87 -7.43 -12.89 12.27
N ILE A 88 -6.66 -13.96 12.12
CA ILE A 88 -7.17 -15.33 12.13
C ILE A 88 -6.31 -16.23 13.02
N HIS A 89 -6.95 -16.90 13.97
CA HIS A 89 -6.27 -17.85 14.85
C HIS A 89 -6.43 -19.29 14.35
N ALA A 90 -5.32 -20.01 14.28
CA ALA A 90 -5.30 -21.39 13.80
C ALA A 90 -4.34 -22.27 14.61
N SER A 91 -4.63 -23.57 14.64
CA SER A 91 -3.81 -24.54 15.37
C SER A 91 -2.59 -24.97 14.56
N SER A 92 -2.78 -25.19 13.26
CA SER A 92 -1.70 -25.60 12.36
C SER A 92 -1.75 -24.83 11.04
N ILE A 93 -0.63 -24.88 10.30
CA ILE A 93 -0.52 -24.20 9.01
C ILE A 93 -1.31 -24.89 7.90
N GLU A 94 -1.53 -26.19 8.05
CA GLU A 94 -2.32 -26.98 7.09
C GLU A 94 -3.81 -26.64 7.17
N SER A 95 -4.27 -26.31 8.38
CA SER A 95 -5.67 -25.96 8.63
C SER A 95 -5.98 -24.52 8.24
N SER A 96 -4.97 -23.65 8.33
CA SER A 96 -5.13 -22.22 8.01
C SER A 96 -5.26 -21.97 6.51
N LEU A 97 -4.66 -22.84 5.71
CA LEU A 97 -4.72 -22.73 4.25
C LEU A 97 -6.09 -23.13 3.69
N ASN A 98 -6.71 -24.12 4.33
CA ASN A 98 -8.03 -24.60 3.93
C ASN A 98 -9.16 -23.64 4.33
N LEU A 99 -8.93 -22.91 5.42
CA LEU A 99 -9.92 -22.00 5.98
C LEU A 99 -10.08 -20.71 5.16
N VAL A 100 -8.97 -20.23 4.59
CA VAL A 100 -8.97 -18.98 3.83
C VAL A 100 -8.83 -19.24 2.33
N SER A 101 -9.54 -18.44 1.52
CA SER A 101 -9.49 -18.54 0.07
C SER A 101 -8.96 -17.27 -0.56
N ASP A 102 -8.53 -17.38 -1.83
CA ASP A 102 -8.02 -16.25 -2.62
C ASP A 102 -6.78 -15.57 -2.01
N VAL A 103 -5.76 -16.38 -1.72
CA VAL A 103 -4.49 -15.89 -1.20
C VAL A 103 -3.38 -16.26 -2.18
N GLU A 104 -2.58 -15.26 -2.58
CA GLU A 104 -1.51 -15.47 -3.56
C GLU A 104 -0.26 -16.09 -2.94
N ARG A 105 0.31 -15.41 -1.93
CA ARG A 105 1.53 -15.88 -1.28
C ARG A 105 1.38 -16.00 0.23
N VAL A 106 2.11 -16.95 0.81
CA VAL A 106 2.12 -17.18 2.25
C VAL A 106 3.54 -17.00 2.79
N PHE A 107 3.68 -16.17 3.81
CA PHE A 107 4.99 -15.88 4.41
C PHE A 107 5.05 -16.29 5.88
N ILE A 108 6.20 -16.80 6.30
CA ILE A 108 6.44 -17.18 7.69
C ILE A 108 7.42 -16.17 8.30
N ILE A 109 6.93 -15.42 9.28
CA ILE A 109 7.68 -14.26 9.81
C ILE A 109 8.15 -14.40 11.26
N GLY A 110 8.05 -15.61 11.82
CA GLY A 110 8.53 -15.89 13.18
C GLY A 110 7.62 -16.80 13.99
N GLY A 111 8.14 -17.33 15.09
CA GLY A 111 9.52 -17.11 15.52
C GLY A 111 10.33 -18.39 15.55
N ALA A 112 11.22 -18.50 16.53
CA ALA A 112 12.16 -19.62 16.65
C ALA A 112 11.50 -21.00 16.67
N GLU A 113 10.41 -21.12 17.43
CA GLU A 113 9.67 -22.38 17.53
C GLU A 113 8.93 -22.70 16.24
N ILE A 114 8.54 -21.66 15.51
CA ILE A 114 7.86 -21.80 14.23
C ILE A 114 8.85 -22.13 13.11
N TYR A 115 10.01 -21.44 13.11
CA TYR A 115 11.04 -21.62 12.10
C TYR A 115 11.59 -23.05 12.06
N ASN A 116 11.92 -23.59 13.24
CA ASN A 116 12.55 -24.91 13.36
C ASN A 116 11.62 -26.09 13.03
N GLU A 117 10.32 -25.87 13.12
CA GLU A 117 9.33 -26.91 12.83
C GLU A 117 8.85 -26.87 11.38
N LEU A 118 8.66 -25.67 10.84
CA LEU A 118 8.11 -25.47 9.50
C LEU A 118 9.14 -25.63 8.37
N ILE A 119 10.42 -25.66 8.73
CA ILE A 119 11.50 -25.90 7.76
C ILE A 119 11.47 -27.34 7.23
N ASN A 120 10.99 -28.26 8.06
CA ASN A 120 10.86 -29.67 7.69
C ASN A 120 9.45 -30.01 7.22
N ASN A 121 8.78 -29.04 6.59
CA ASN A 121 7.44 -29.22 6.05
C ASN A 121 7.45 -29.15 4.52
N SER A 122 6.61 -29.97 3.89
CA SER A 122 6.54 -30.08 2.44
C SER A 122 5.95 -28.83 1.77
N LEU A 123 5.16 -28.07 2.53
CA LEU A 123 4.50 -26.86 2.01
C LEU A 123 5.49 -25.73 1.70
N VAL A 124 6.54 -25.63 2.52
CA VAL A 124 7.59 -24.63 2.33
C VAL A 124 8.53 -25.05 1.20
N SER A 125 8.70 -24.17 0.21
CA SER A 125 9.55 -24.44 -0.95
C SER A 125 10.64 -23.38 -1.13
N HIS A 126 10.39 -22.18 -0.61
CA HIS A 126 11.31 -21.06 -0.76
C HIS A 126 11.74 -20.47 0.59
N LEU A 127 12.97 -19.97 0.64
CA LEU A 127 13.49 -19.29 1.83
C LEU A 127 14.08 -17.93 1.46
N LEU A 128 13.65 -16.90 2.16
CA LEU A 128 14.16 -15.54 1.97
C LEU A 128 15.05 -15.12 3.14
N ILE A 129 16.15 -15.85 3.30
CA ILE A 129 17.08 -15.62 4.40
C ILE A 129 17.98 -14.42 4.12
N THR A 130 18.04 -13.49 5.07
CA THR A 130 18.94 -12.35 5.00
C THR A 130 20.19 -12.62 5.83
N GLU A 131 21.27 -13.02 5.15
CA GLU A 131 22.52 -13.38 5.82
C GLU A 131 23.29 -12.13 6.26
N ILE A 132 23.38 -11.94 7.57
CA ILE A 132 24.07 -10.79 8.17
C ILE A 132 25.48 -11.18 8.62
N GLU A 133 26.45 -10.33 8.29
CA GLU A 133 27.85 -10.56 8.65
C GLU A 133 28.34 -9.53 9.67
N HIS A 134 29.20 -9.98 10.58
CA HIS A 134 29.78 -9.12 11.61
C HIS A 134 31.24 -9.52 11.85
N PRO A 135 32.14 -8.51 11.98
CA PRO A 135 33.57 -8.77 12.23
C PRO A 135 33.84 -9.53 13.52
N SER A 136 33.04 -9.26 14.55
CA SER A 136 33.14 -9.97 15.83
C SER A 136 31.78 -10.56 16.23
N PRO A 137 31.53 -11.82 15.83
CA PRO A 137 30.26 -12.49 16.12
C PRO A 137 30.09 -12.85 17.61
N GLU A 138 31.22 -13.01 18.30
CA GLU A 138 31.21 -13.39 19.73
C GLU A 138 30.81 -12.23 20.65
N SER A 139 30.92 -10.99 20.15
CA SER A 139 30.63 -9.80 20.94
C SER A 139 29.14 -9.62 21.21
N ILE A 140 28.31 -9.91 20.21
CA ILE A 140 26.86 -9.81 20.34
C ILE A 140 26.31 -10.96 21.17
N GLU A 141 25.54 -10.64 22.20
CA GLU A 141 24.92 -11.63 23.08
C GLU A 141 23.78 -12.34 22.35
N MET A 142 23.80 -13.66 22.38
CA MET A 142 22.81 -14.48 21.68
C MET A 142 22.50 -15.76 22.45
N ASP A 143 21.22 -16.14 22.48
CA ASP A 143 20.78 -17.38 23.10
C ASP A 143 19.82 -18.16 22.19
N THR A 144 19.21 -17.44 21.24
CA THR A 144 18.27 -18.03 20.30
C THR A 144 18.95 -18.25 18.95
N PHE A 145 18.92 -19.49 18.47
CA PHE A 145 19.58 -19.87 17.23
C PHE A 145 18.67 -20.68 16.31
N LEU A 146 18.91 -20.57 15.01
CA LEU A 146 18.13 -21.30 14.01
C LEU A 146 18.73 -22.68 13.74
N LYS A 147 17.86 -23.67 13.59
CA LYS A 147 18.28 -25.05 13.31
C LYS A 147 17.83 -25.46 11.91
N PHE A 148 18.50 -24.94 10.90
CA PHE A 148 18.18 -25.25 9.50
C PHE A 148 19.23 -26.18 8.87
N PRO A 149 18.77 -27.22 8.17
CA PRO A 149 19.67 -28.07 7.40
C PRO A 149 19.88 -27.53 5.99
N LEU A 150 20.72 -26.49 5.89
CA LEU A 150 20.96 -25.79 4.62
C LEU A 150 21.69 -26.65 3.57
N GLU A 151 22.18 -27.81 4.00
CA GLU A 151 22.84 -28.76 3.12
C GLU A 151 21.86 -29.40 2.13
N SER A 152 20.60 -29.50 2.55
CA SER A 152 19.53 -30.03 1.70
C SER A 152 18.85 -28.94 0.86
N TRP A 153 19.31 -27.71 1.02
CA TRP A 153 18.79 -26.57 0.27
C TRP A 153 19.82 -26.03 -0.72
N THR A 154 19.33 -25.50 -1.83
CA THR A 154 20.20 -24.94 -2.87
C THR A 154 20.06 -23.41 -2.92
N LYS A 155 21.20 -22.72 -2.88
CA LYS A 155 21.21 -21.26 -2.94
C LYS A 155 21.02 -20.78 -4.37
N GLN A 156 19.93 -20.07 -4.60
CA GLN A 156 19.59 -19.53 -5.92
C GLN A 156 20.32 -18.21 -6.19
N PRO A 157 20.62 -17.93 -7.47
CA PRO A 157 21.29 -16.68 -7.87
C PRO A 157 20.42 -15.44 -7.65
N LYS A 158 21.01 -14.26 -7.87
CA LYS A 158 20.32 -12.98 -7.67
C LYS A 158 19.20 -12.76 -8.69
N SER A 159 19.36 -13.32 -9.88
CA SER A 159 18.37 -13.20 -10.95
C SER A 159 17.05 -13.90 -10.60
N GLU A 160 17.15 -15.02 -9.88
CA GLU A 160 15.98 -15.75 -9.42
C GLU A 160 15.30 -15.06 -8.25
N LEU A 161 16.09 -14.34 -7.46
CA LEU A 161 15.58 -13.55 -6.34
C LEU A 161 14.84 -12.31 -6.81
N GLN A 162 15.34 -11.70 -7.89
CA GLN A 162 14.74 -10.50 -8.48
C GLN A 162 13.34 -10.78 -9.04
N LYS A 163 13.15 -11.97 -9.61
CA LYS A 163 11.86 -12.40 -10.13
C LYS A 163 10.84 -12.61 -9.01
N PHE A 164 11.32 -13.06 -7.86
CA PHE A 164 10.47 -13.34 -6.70
C PHE A 164 10.01 -12.06 -5.99
N VAL A 165 10.86 -11.03 -6.00
CA VAL A 165 10.56 -9.76 -5.34
C VAL A 165 9.94 -8.73 -6.30
N GLY A 166 10.13 -8.94 -7.60
CA GLY A 166 9.60 -8.05 -8.62
C GLY A 166 10.54 -6.90 -8.94
N ASP A 167 10.04 -5.68 -8.77
CA ASP A 167 10.83 -4.46 -9.04
C ASP A 167 11.43 -3.86 -7.76
N THR A 168 11.55 -4.69 -6.72
CA THR A 168 12.12 -4.28 -5.44
C THR A 168 13.64 -4.14 -5.56
N VAL A 169 14.17 -3.03 -5.05
CA VAL A 169 15.60 -2.73 -5.12
C VAL A 169 16.40 -3.66 -4.21
N LEU A 170 17.33 -4.40 -4.80
CA LEU A 170 18.20 -5.31 -4.06
C LEU A 170 19.64 -4.80 -4.09
N GLU A 171 20.11 -4.30 -2.94
CA GLU A 171 21.45 -3.74 -2.83
C GLU A 171 22.44 -4.75 -2.29
N ASP A 172 23.63 -4.80 -2.88
CA ASP A 172 24.69 -5.70 -2.45
C ASP A 172 25.53 -5.08 -1.34
N ASP A 173 25.81 -5.89 -0.31
CA ASP A 173 26.62 -5.48 0.85
C ASP A 173 26.12 -4.19 1.51
N ILE A 174 24.95 -4.27 2.13
CA ILE A 174 24.36 -3.12 2.83
C ILE A 174 24.99 -2.96 4.20
N LYS A 175 25.74 -1.86 4.38
CA LYS A 175 26.47 -1.62 5.61
C LYS A 175 25.73 -0.66 6.55
N GLU A 176 25.30 -1.18 7.69
CA GLU A 176 24.66 -0.37 8.72
C GLU A 176 25.40 -0.54 10.05
N GLY A 177 26.25 0.42 10.37
CA GLY A 177 27.08 0.38 11.57
C GLY A 177 28.24 -0.60 11.38
N ASP A 178 28.10 -1.78 11.98
CA ASP A 178 29.09 -2.85 11.85
C ASP A 178 28.53 -4.05 11.09
N PHE A 179 27.22 -4.09 10.93
CA PHE A 179 26.52 -5.19 10.26
C PHE A 179 26.54 -5.03 8.74
N THR A 180 26.70 -6.15 8.03
CA THR A 180 26.66 -6.18 6.57
C THR A 180 25.82 -7.37 6.12
N TYR A 181 24.67 -7.09 5.50
CA TYR A 181 23.73 -8.14 5.12
C TYR A 181 23.41 -8.22 3.64
N ASN A 182 23.08 -9.42 3.18
CA ASN A 182 22.72 -9.68 1.79
C ASN A 182 21.48 -10.58 1.69
N TYR A 183 20.59 -10.25 0.75
CA TYR A 183 19.38 -11.03 0.52
C TYR A 183 19.68 -12.23 -0.36
N THR A 184 19.21 -13.41 0.06
CA THR A 184 19.43 -14.66 -0.67
C THR A 184 18.17 -15.49 -0.80
N LEU A 185 18.07 -16.23 -1.91
CA LEU A 185 16.93 -17.12 -2.17
C LEU A 185 17.38 -18.58 -2.08
N TRP A 186 16.56 -19.41 -1.44
CA TRP A 186 16.87 -20.82 -1.27
C TRP A 186 15.70 -21.71 -1.71
N THR A 187 16.01 -22.73 -2.50
CA THR A 187 15.02 -23.72 -2.96
C THR A 187 15.43 -25.13 -2.56
N ARG A 188 14.45 -26.03 -2.52
CA ARG A 188 14.69 -27.43 -2.16
C ARG A 188 15.44 -28.18 -3.25
N LYS A 189 16.46 -28.94 -2.84
CA LYS A 189 17.30 -29.70 -3.77
C LYS A 189 16.58 -30.94 -4.29
N PRO B 1 -24.31 18.82 0.36
CA PRO B 1 -22.94 19.17 -0.03
C PRO B 1 -22.61 18.68 -1.44
N ASN B 2 -21.86 19.49 -2.19
CA ASN B 2 -21.46 19.15 -3.55
C ASN B 2 -20.32 18.15 -3.59
N VAL B 3 -20.50 17.10 -4.38
CA VAL B 3 -19.49 16.05 -4.54
C VAL B 3 -18.90 16.10 -5.96
N ALA B 4 -17.57 16.23 -6.04
CA ALA B 4 -16.88 16.32 -7.31
C ALA B 4 -15.69 15.36 -7.39
N ILE B 5 -15.28 15.01 -8.60
CA ILE B 5 -14.13 14.14 -8.83
C ILE B 5 -13.00 14.93 -9.49
N ILE B 6 -11.85 14.97 -8.83
CA ILE B 6 -10.66 15.62 -9.38
C ILE B 6 -9.64 14.59 -9.88
N VAL B 7 -9.23 14.72 -11.15
CA VAL B 7 -8.34 13.77 -11.79
C VAL B 7 -7.53 14.42 -12.92
N ALA B 8 -6.32 13.91 -13.14
CA ALA B 8 -5.47 14.34 -14.25
C ALA B 8 -5.15 13.16 -15.16
N ALA B 9 -5.63 13.22 -16.40
CA ALA B 9 -5.48 12.12 -17.36
C ALA B 9 -5.00 12.58 -18.74
N LEU B 10 -4.37 11.66 -19.46
CA LEU B 10 -3.86 11.92 -20.80
C LEU B 10 -4.86 11.49 -21.87
N LYS B 11 -5.20 12.42 -22.77
CA LYS B 11 -6.14 12.15 -23.86
C LYS B 11 -5.48 11.34 -24.98
N PRO B 12 -6.27 10.46 -25.64
CA PRO B 12 -7.67 10.14 -25.37
C PRO B 12 -7.87 8.83 -24.59
N ALA B 13 -6.77 8.20 -24.18
CA ALA B 13 -6.82 6.92 -23.48
C ALA B 13 -7.27 7.05 -22.02
N LEU B 14 -7.13 8.26 -21.48
CA LEU B 14 -7.46 8.57 -20.08
C LEU B 14 -6.65 7.76 -19.07
N GLY B 15 -5.35 7.63 -19.34
CA GLY B 15 -4.43 6.95 -18.43
C GLY B 15 -4.05 7.84 -17.26
N ILE B 16 -3.81 7.22 -16.11
CA ILE B 16 -3.51 7.96 -14.88
C ILE B 16 -2.28 7.47 -14.11
N GLY B 17 -1.96 6.19 -14.25
CA GLY B 17 -0.84 5.59 -13.52
C GLY B 17 -0.17 4.42 -14.20
N TYR B 18 1.10 4.21 -13.87
CA TYR B 18 1.89 3.09 -14.38
C TYR B 18 2.73 2.46 -13.27
N LYS B 19 2.58 1.15 -13.11
CA LYS B 19 3.26 0.36 -12.07
C LYS B 19 3.00 0.88 -10.64
N GLY B 20 1.77 1.35 -10.41
CA GLY B 20 1.36 1.85 -9.10
C GLY B 20 1.88 3.24 -8.77
N LYS B 21 2.41 3.94 -9.78
CA LYS B 21 2.96 5.28 -9.61
C LYS B 21 2.50 6.20 -10.75
N MET B 22 2.48 7.50 -10.46
CA MET B 22 2.11 8.51 -11.45
CA MET B 22 2.12 8.52 -11.45
C MET B 22 3.25 8.74 -12.44
N PRO B 23 2.96 8.62 -13.75
CA PRO B 23 4.02 8.77 -14.77
C PRO B 23 4.48 10.22 -15.00
N TRP B 24 3.72 11.18 -14.48
CA TRP B 24 4.05 12.60 -14.62
C TRP B 24 4.00 13.34 -13.28
N ARG B 25 4.74 14.44 -13.21
CA ARG B 25 4.71 15.33 -12.05
C ARG B 25 4.66 16.79 -12.51
N LEU B 26 3.45 17.26 -12.77
CA LEU B 26 3.23 18.61 -13.27
C LEU B 26 3.25 19.62 -12.12
N ARG B 27 4.14 20.61 -12.24
CA ARG B 27 4.40 21.57 -11.17
C ARG B 27 3.22 22.47 -10.82
N LYS B 28 2.58 23.03 -11.85
CA LYS B 28 1.47 23.95 -11.66
C LYS B 28 0.14 23.25 -11.37
N GLU B 29 0.07 21.96 -11.71
CA GLU B 29 -1.14 21.16 -11.49
C GLU B 29 -1.28 20.78 -10.02
N ILE B 30 -0.16 20.47 -9.37
CA ILE B 30 -0.13 20.17 -7.94
C ILE B 30 -0.53 21.40 -7.12
N ARG B 31 -0.08 22.56 -7.57
CA ARG B 31 -0.45 23.85 -6.96
C ARG B 31 -1.94 24.12 -7.12
N TYR B 32 -2.49 23.74 -8.28
CA TYR B 32 -3.93 23.86 -8.56
C TYR B 32 -4.73 22.88 -7.70
N PHE B 33 -4.18 21.68 -7.50
CA PHE B 33 -4.82 20.65 -6.69
C PHE B 33 -4.99 21.09 -5.23
N LYS B 34 -3.98 21.78 -4.70
CA LYS B 34 -3.98 22.24 -3.32
C LYS B 34 -4.96 23.40 -3.10
N ASP B 35 -5.08 24.29 -4.09
CA ASP B 35 -5.90 25.48 -3.99
C ASP B 35 -7.41 25.19 -4.04
N VAL B 36 -7.82 24.28 -4.92
CA VAL B 36 -9.23 23.95 -5.13
C VAL B 36 -9.81 23.11 -3.99
N THR B 37 -9.04 22.12 -3.54
CA THR B 37 -9.50 21.18 -2.50
C THR B 37 -9.56 21.79 -1.10
N THR B 38 -8.92 22.94 -0.90
CA THR B 38 -8.84 23.58 0.41
C THR B 38 -9.78 24.78 0.55
N ARG B 39 -9.87 25.59 -0.51
CA ARG B 39 -10.65 26.84 -0.48
C ARG B 39 -12.13 26.61 -0.18
N THR B 40 -12.63 27.37 0.79
CA THR B 40 -14.04 27.30 1.20
C THR B 40 -14.71 28.66 1.06
N THR B 41 -15.97 28.65 0.61
CA THR B 41 -16.74 29.88 0.42
C THR B 41 -17.54 30.23 1.68
N LYS B 42 -18.24 29.24 2.23
CA LYS B 42 -19.05 29.42 3.44
C LYS B 42 -18.18 29.46 4.70
N PRO B 43 -18.55 30.31 5.68
CA PRO B 43 -17.82 30.41 6.94
C PRO B 43 -17.99 29.18 7.83
N ASN B 44 -17.12 29.06 8.84
CA ASN B 44 -17.09 27.94 9.81
C ASN B 44 -17.16 26.51 9.24
N THR B 45 -16.83 26.36 7.95
CA THR B 45 -16.90 25.07 7.26
C THR B 45 -15.57 24.70 6.62
N ARG B 46 -15.38 23.40 6.38
CA ARG B 46 -14.17 22.89 5.73
C ARG B 46 -14.50 21.81 4.69
N ASN B 47 -13.66 21.71 3.66
CA ASN B 47 -13.82 20.72 2.61
C ASN B 47 -13.24 19.36 3.01
N ALA B 48 -13.80 18.30 2.43
CA ALA B 48 -13.35 16.94 2.71
C ALA B 48 -12.85 16.25 1.44
N VAL B 49 -11.81 15.43 1.60
CA VAL B 49 -11.24 14.65 0.49
C VAL B 49 -11.41 13.16 0.71
N ILE B 50 -11.99 12.48 -0.28
CA ILE B 50 -12.21 11.03 -0.22
C ILE B 50 -11.22 10.29 -1.12
N MET B 51 -10.47 9.38 -0.52
CA MET B 51 -9.48 8.57 -1.25
C MET B 51 -9.62 7.09 -0.93
N GLY B 52 -8.85 6.26 -1.63
CA GLY B 52 -8.83 4.83 -1.38
C GLY B 52 -7.75 4.42 -0.39
N ARG B 53 -7.68 3.12 -0.10
CA ARG B 53 -6.68 2.58 0.81
C ARG B 53 -5.27 2.63 0.22
N LYS B 54 -5.17 2.33 -1.08
CA LYS B 54 -3.88 2.32 -1.78
C LYS B 54 -3.36 3.73 -2.06
N THR B 55 -4.29 4.68 -2.21
CA THR B 55 -3.93 6.09 -2.45
C THR B 55 -3.42 6.74 -1.17
N TRP B 56 -4.03 6.39 -0.04
CA TRP B 56 -3.64 6.90 1.27
C TRP B 56 -2.22 6.45 1.66
N GLU B 57 -1.89 5.21 1.29
CA GLU B 57 -0.60 4.61 1.65
C GLU B 57 0.51 4.95 0.65
N SER B 58 0.14 5.56 -0.48
CA SER B 58 1.10 6.01 -1.48
C SER B 58 1.64 7.42 -1.15
N ILE B 59 0.83 8.19 -0.42
CA ILE B 59 1.20 9.52 0.03
C ILE B 59 2.24 9.42 1.15
N PRO B 60 3.37 10.17 1.03
CA PRO B 60 4.43 10.19 2.04
C PRO B 60 3.90 10.46 3.46
N GLN B 61 4.54 9.84 4.44
CA GLN B 61 4.08 9.86 5.84
C GLN B 61 4.03 11.26 6.46
N LYS B 62 4.91 12.15 6.01
CA LYS B 62 4.98 13.52 6.51
C LYS B 62 3.88 14.42 5.93
N PHE B 63 3.31 13.99 4.80
CA PHE B 63 2.29 14.77 4.10
C PHE B 63 0.85 14.31 4.40
N ARG B 64 0.72 13.14 5.02
CA ARG B 64 -0.59 12.61 5.42
C ARG B 64 -0.86 12.78 6.92
N PRO B 65 -2.05 13.27 7.29
CA PRO B 65 -3.15 13.68 6.40
C PRO B 65 -2.94 15.08 5.80
N LEU B 66 -3.72 15.39 4.78
CA LEU B 66 -3.64 16.68 4.10
C LEU B 66 -4.09 17.83 5.01
N PRO B 67 -3.29 18.91 5.08
CA PRO B 67 -3.57 20.05 5.97
C PRO B 67 -4.85 20.81 5.58
N ASP B 68 -5.58 21.26 6.60
CA ASP B 68 -6.81 22.05 6.44
C ASP B 68 -7.92 21.33 5.65
N ARG B 69 -7.81 20.01 5.54
CA ARG B 69 -8.76 19.19 4.81
C ARG B 69 -9.08 17.90 5.57
N LEU B 70 -10.35 17.49 5.53
CA LEU B 70 -10.78 16.26 6.18
C LEU B 70 -10.49 15.06 5.28
N ASN B 71 -9.58 14.20 5.71
CA ASN B 71 -9.16 13.05 4.94
C ASN B 71 -10.02 11.81 5.23
N ILE B 72 -10.74 11.37 4.20
CA ILE B 72 -11.59 10.18 4.31
C ILE B 72 -11.02 9.06 3.44
N ILE B 73 -10.83 7.89 4.05
CA ILE B 73 -10.26 6.73 3.34
C ILE B 73 -11.32 5.64 3.18
N LEU B 74 -11.60 5.28 1.93
CA LEU B 74 -12.54 4.21 1.62
C LEU B 74 -11.88 2.83 1.74
N SER B 75 -12.53 1.95 2.49
CA SER B 75 -12.05 0.57 2.67
C SER B 75 -13.23 -0.34 3.02
N ARG B 76 -13.31 -1.47 2.32
CA ARG B 76 -14.39 -2.44 2.55
C ARG B 76 -14.19 -3.23 3.84
N SER B 77 -13.01 -3.13 4.42
CA SER B 77 -12.67 -3.82 5.67
C SER B 77 -13.06 -3.00 6.90
N TYR B 78 -12.73 -1.71 6.88
CA TYR B 78 -12.96 -0.82 8.02
C TYR B 78 -14.41 -0.41 8.18
N GLU B 79 -14.80 -0.13 9.42
CA GLU B 79 -16.15 0.33 9.76
C GLU B 79 -16.28 1.84 9.59
N ASN B 80 -17.51 2.32 9.54
CA ASN B 80 -17.80 3.75 9.40
C ASN B 80 -17.69 4.48 10.74
N GLU B 81 -16.48 4.90 11.09
CA GLU B 81 -16.23 5.55 12.38
C GLU B 81 -15.07 6.56 12.28
N ILE B 82 -15.20 7.65 13.05
CA ILE B 82 -14.20 8.71 13.09
C ILE B 82 -12.98 8.28 13.90
N ILE B 83 -11.79 8.45 13.32
CA ILE B 83 -10.53 8.13 14.00
C ILE B 83 -10.02 9.35 14.77
N ASP B 84 -9.95 10.49 14.09
CA ASP B 84 -9.59 11.77 14.70
C ASP B 84 -10.23 12.93 13.95
N ASP B 85 -9.94 14.16 14.39
CA ASP B 85 -10.53 15.37 13.81
C ASP B 85 -10.15 15.64 12.34
N ASN B 86 -9.28 14.80 11.79
CA ASN B 86 -8.83 14.93 10.41
C ASN B 86 -8.98 13.64 9.59
N ILE B 87 -8.85 12.49 10.25
CA ILE B 87 -8.89 11.20 9.58
C ILE B 87 -10.17 10.42 9.94
N ILE B 88 -10.89 9.96 8.92
CA ILE B 88 -12.09 9.14 9.10
C ILE B 88 -12.08 7.96 8.13
N HIS B 89 -12.22 6.75 8.67
CA HIS B 89 -12.33 5.54 7.85
C HIS B 89 -13.80 5.22 7.56
N ALA B 90 -14.08 4.87 6.31
CA ALA B 90 -15.45 4.60 5.87
C ALA B 90 -15.53 3.43 4.88
N SER B 91 -16.69 2.78 4.85
CA SER B 91 -16.95 1.67 3.93
C SER B 91 -17.65 2.14 2.66
N SER B 92 -18.33 3.27 2.75
CA SER B 92 -19.04 3.87 1.61
C SER B 92 -19.05 5.39 1.69
N ILE B 93 -19.29 6.04 0.55
CA ILE B 93 -19.32 7.50 0.47
C ILE B 93 -20.57 8.12 1.12
N GLU B 94 -21.68 7.40 1.08
CA GLU B 94 -22.94 7.88 1.64
C GLU B 94 -22.93 7.85 3.17
N SER B 95 -22.30 6.82 3.74
CA SER B 95 -22.19 6.67 5.19
C SER B 95 -21.20 7.66 5.80
N SER B 96 -20.27 8.15 4.98
CA SER B 96 -19.29 9.15 5.41
C SER B 96 -19.84 10.56 5.35
N LEU B 97 -21.05 10.71 4.81
CA LEU B 97 -21.72 12.00 4.70
C LEU B 97 -22.90 12.13 5.65
N ASN B 98 -23.55 11.00 5.96
CA ASN B 98 -24.70 10.98 6.85
C ASN B 98 -24.36 11.22 8.31
N LEU B 99 -23.15 10.83 8.71
CA LEU B 99 -22.69 10.98 10.09
C LEU B 99 -21.87 12.26 10.29
N VAL B 100 -21.08 12.62 9.28
CA VAL B 100 -20.20 13.78 9.35
C VAL B 100 -20.91 15.05 8.87
N SER B 101 -20.82 16.12 9.65
CA SER B 101 -21.44 17.40 9.33
C SER B 101 -20.41 18.50 9.11
N ASP B 102 -20.90 19.71 8.78
CA ASP B 102 -20.08 20.91 8.56
C ASP B 102 -19.10 20.77 7.39
N VAL B 103 -19.51 20.06 6.34
CA VAL B 103 -18.71 19.87 5.14
C VAL B 103 -19.37 20.57 3.95
N GLU B 104 -18.63 21.48 3.31
CA GLU B 104 -19.14 22.24 2.18
C GLU B 104 -19.04 21.44 0.87
N ARG B 105 -17.82 21.17 0.45
CA ARG B 105 -17.57 20.47 -0.82
C ARG B 105 -16.69 19.23 -0.63
N VAL B 106 -17.02 18.17 -1.37
CA VAL B 106 -16.31 16.90 -1.29
C VAL B 106 -15.58 16.61 -2.61
N PHE B 107 -14.28 16.29 -2.50
CA PHE B 107 -13.47 15.98 -3.66
C PHE B 107 -12.94 14.54 -3.62
N ILE B 108 -13.18 13.80 -4.69
CA ILE B 108 -12.65 12.44 -4.83
C ILE B 108 -11.29 12.51 -5.52
N ILE B 109 -10.24 12.07 -4.82
CA ILE B 109 -8.87 12.26 -5.30
C ILE B 109 -8.18 10.99 -5.82
N GLY B 110 -8.87 9.85 -5.73
CA GLY B 110 -8.33 8.58 -6.24
C GLY B 110 -8.59 7.37 -5.36
N GLY B 111 -8.12 6.20 -5.79
CA GLY B 111 -7.38 6.03 -7.04
C GLY B 111 -8.19 5.41 -8.15
N ALA B 112 -7.52 4.60 -8.98
CA ALA B 112 -8.13 4.01 -10.19
C ALA B 112 -9.39 3.21 -9.93
N GLU B 113 -9.38 2.39 -8.88
CA GLU B 113 -10.53 1.57 -8.50
C GLU B 113 -11.66 2.43 -7.94
N ILE B 114 -11.29 3.52 -7.27
CA ILE B 114 -12.25 4.45 -6.67
C ILE B 114 -12.93 5.31 -7.75
N TYR B 115 -12.16 5.74 -8.76
CA TYR B 115 -12.69 6.54 -9.87
C TYR B 115 -13.79 5.82 -10.65
N ASN B 116 -13.53 4.55 -10.98
CA ASN B 116 -14.42 3.76 -11.83
C ASN B 116 -15.70 3.29 -11.14
N GLU B 117 -15.71 3.31 -9.82
CA GLU B 117 -16.86 2.83 -9.04
C GLU B 117 -17.77 3.97 -8.56
N LEU B 118 -17.20 5.17 -8.42
CA LEU B 118 -17.97 6.32 -7.94
C LEU B 118 -18.50 7.21 -9.07
N ILE B 119 -18.04 6.96 -10.29
CA ILE B 119 -18.51 7.68 -11.48
C ILE B 119 -19.99 7.39 -11.78
N ASN B 120 -20.42 6.16 -11.47
CA ASN B 120 -21.80 5.75 -11.68
C ASN B 120 -22.64 5.90 -10.41
N ASN B 121 -22.48 7.04 -9.73
CA ASN B 121 -23.22 7.35 -8.51
C ASN B 121 -23.96 8.68 -8.63
N SER B 122 -25.14 8.76 -8.03
CA SER B 122 -25.99 9.94 -8.11
C SER B 122 -25.47 11.12 -7.29
N LEU B 123 -24.68 10.82 -6.26
CA LEU B 123 -24.11 11.86 -5.39
C LEU B 123 -23.08 12.74 -6.11
N VAL B 124 -22.30 12.13 -7.01
CA VAL B 124 -21.33 12.86 -7.82
C VAL B 124 -22.06 13.61 -8.93
N SER B 125 -21.89 14.93 -8.96
CA SER B 125 -22.56 15.80 -9.95
C SER B 125 -21.59 16.61 -10.80
N HIS B 126 -20.33 16.70 -10.34
CA HIS B 126 -19.30 17.45 -11.06
C HIS B 126 -18.04 16.64 -11.30
N LEU B 127 -17.34 16.96 -12.39
CA LEU B 127 -16.04 16.36 -12.69
C LEU B 127 -15.02 17.45 -13.02
N LEU B 128 -13.92 17.45 -12.29
CA LEU B 128 -12.80 18.36 -12.55
C LEU B 128 -11.63 17.58 -13.14
N ILE B 129 -11.64 17.46 -14.47
CA ILE B 129 -10.64 16.66 -15.18
C ILE B 129 -9.59 17.56 -15.84
N THR B 130 -8.32 17.30 -15.53
CA THR B 130 -7.21 17.99 -16.16
C THR B 130 -6.83 17.24 -17.44
N GLU B 131 -7.27 17.78 -18.58
CA GLU B 131 -7.02 17.14 -19.88
C GLU B 131 -5.60 17.40 -20.35
N ILE B 132 -4.73 16.40 -20.17
CA ILE B 132 -3.33 16.50 -20.56
C ILE B 132 -3.13 15.99 -21.99
N GLU B 133 -2.36 16.74 -22.78
CA GLU B 133 -2.09 16.40 -24.17
C GLU B 133 -0.60 16.13 -24.40
N HIS B 134 -0.31 15.19 -25.29
CA HIS B 134 1.05 14.82 -25.65
C HIS B 134 1.12 14.46 -27.13
N PRO B 135 2.16 14.94 -27.84
CA PRO B 135 2.34 14.63 -29.27
C PRO B 135 2.44 13.12 -29.56
N SER B 136 3.12 12.39 -28.68
CA SER B 136 3.23 10.94 -28.78
C SER B 136 2.63 10.26 -27.55
N PRO B 137 1.33 9.90 -27.61
CA PRO B 137 0.64 9.26 -26.48
C PRO B 137 1.03 7.80 -26.28
N GLU B 138 1.53 7.16 -27.35
CA GLU B 138 1.90 5.74 -27.30
C GLU B 138 3.28 5.50 -26.66
N SER B 139 4.09 6.55 -26.57
CA SER B 139 5.42 6.47 -26.00
C SER B 139 5.41 6.25 -24.48
N ILE B 140 4.50 6.93 -23.79
CA ILE B 140 4.34 6.80 -22.34
C ILE B 140 3.58 5.51 -22.02
N GLU B 141 4.23 4.63 -21.25
CA GLU B 141 3.64 3.35 -20.87
C GLU B 141 2.57 3.52 -19.79
N MET B 142 1.48 2.77 -19.91
CA MET B 142 0.34 2.86 -18.99
C MET B 142 -0.37 1.53 -18.86
N ASP B 143 -0.75 1.17 -17.64
CA ASP B 143 -1.48 -0.07 -17.37
C ASP B 143 -2.88 0.19 -16.81
N THR B 144 -3.04 1.30 -16.09
CA THR B 144 -4.32 1.68 -15.51
C THR B 144 -4.98 2.79 -16.32
N PHE B 145 -6.25 2.59 -16.66
CA PHE B 145 -7.02 3.55 -17.46
C PHE B 145 -8.36 3.88 -16.82
N LEU B 146 -8.87 5.08 -17.11
CA LEU B 146 -10.16 5.53 -16.59
C LEU B 146 -11.31 5.02 -17.46
N LYS B 147 -12.33 4.47 -16.81
CA LYS B 147 -13.54 4.01 -17.50
C LYS B 147 -14.64 5.07 -17.37
N PHE B 148 -14.38 6.24 -17.93
CA PHE B 148 -15.30 7.37 -17.85
C PHE B 148 -16.17 7.48 -19.11
N PRO B 149 -17.51 7.50 -18.92
CA PRO B 149 -18.42 7.71 -20.04
C PRO B 149 -18.69 9.21 -20.25
N LEU B 150 -17.76 9.86 -20.94
CA LEU B 150 -17.81 11.31 -21.16
C LEU B 150 -18.94 11.75 -22.11
N GLU B 151 -19.55 10.78 -22.78
CA GLU B 151 -20.70 11.05 -23.66
C GLU B 151 -21.95 11.44 -22.89
N SER B 152 -22.05 10.95 -21.65
CA SER B 152 -23.18 11.25 -20.78
C SER B 152 -22.95 12.49 -19.91
N TRP B 153 -21.80 13.14 -20.10
CA TRP B 153 -21.44 14.35 -19.36
C TRP B 153 -21.28 15.55 -20.30
N THR B 154 -21.74 16.70 -19.84
CA THR B 154 -21.67 17.94 -20.62
C THR B 154 -20.43 18.74 -20.24
N LYS B 155 -19.65 19.15 -21.24
CA LYS B 155 -18.46 19.98 -21.02
C LYS B 155 -18.86 21.43 -20.79
N GLN B 156 -18.52 21.94 -19.60
CA GLN B 156 -18.84 23.32 -19.22
C GLN B 156 -17.72 24.28 -19.67
N PRO B 157 -18.10 25.52 -20.03
CA PRO B 157 -17.12 26.53 -20.44
C PRO B 157 -16.24 27.04 -19.29
N LYS B 158 -15.24 27.86 -19.63
CA LYS B 158 -14.30 28.39 -18.65
C LYS B 158 -14.95 29.36 -17.66
N SER B 159 -15.99 30.06 -18.11
CA SER B 159 -16.72 31.02 -17.28
C SER B 159 -17.44 30.34 -16.11
N GLU B 160 -17.97 29.15 -16.35
CA GLU B 160 -18.63 28.36 -15.31
C GLU B 160 -17.62 27.71 -14.37
N LEU B 161 -16.42 27.47 -14.87
CA LEU B 161 -15.32 26.91 -14.08
C LEU B 161 -14.75 27.95 -13.12
N GLN B 162 -14.70 29.20 -13.56
CA GLN B 162 -14.15 30.30 -12.77
C GLN B 162 -14.96 30.57 -11.50
N LYS B 163 -16.28 30.39 -11.59
CA LYS B 163 -17.19 30.57 -10.45
C LYS B 163 -16.97 29.53 -9.35
N PHE B 164 -16.59 28.32 -9.75
CA PHE B 164 -16.37 27.21 -8.82
C PHE B 164 -15.05 27.37 -8.05
N VAL B 165 -14.00 27.77 -8.75
CA VAL B 165 -12.67 27.92 -8.15
C VAL B 165 -12.48 29.25 -7.42
N GLY B 166 -13.34 30.22 -7.73
CA GLY B 166 -13.28 31.55 -7.11
C GLY B 166 -12.34 32.49 -7.83
N ASP B 167 -11.31 32.94 -7.11
CA ASP B 167 -10.32 33.86 -7.67
C ASP B 167 -9.01 33.16 -8.06
N THR B 168 -9.10 31.84 -8.26
CA THR B 168 -7.94 31.04 -8.65
C THR B 168 -7.57 31.29 -10.12
N VAL B 169 -6.27 31.47 -10.35
CA VAL B 169 -5.76 31.78 -11.69
C VAL B 169 -5.84 30.57 -12.62
N LEU B 170 -6.63 30.70 -13.68
CA LEU B 170 -6.77 29.66 -14.70
C LEU B 170 -6.08 30.08 -15.99
N GLU B 171 -5.16 29.24 -16.45
CA GLU B 171 -4.36 29.54 -17.63
C GLU B 171 -4.64 28.56 -18.77
N ASP B 172 -4.67 29.10 -19.99
CA ASP B 172 -4.92 28.30 -21.19
C ASP B 172 -3.63 27.74 -21.77
N ASP B 173 -3.65 26.44 -22.06
CA ASP B 173 -2.51 25.70 -22.63
C ASP B 173 -1.22 25.87 -21.84
N ILE B 174 -1.16 25.21 -20.68
CA ILE B 174 0.01 25.26 -19.81
C ILE B 174 1.04 24.23 -20.27
N LYS B 175 2.22 24.72 -20.67
CA LYS B 175 3.29 23.86 -21.18
C LYS B 175 4.32 23.52 -20.11
N GLU B 176 4.51 22.22 -19.88
CA GLU B 176 5.55 21.72 -18.98
C GLU B 176 6.32 20.59 -19.63
N GLY B 177 7.48 20.92 -20.19
CA GLY B 177 8.31 19.95 -20.91
C GLY B 177 7.71 19.60 -22.26
N ASP B 178 7.02 18.46 -22.30
CA ASP B 178 6.36 18.00 -23.51
C ASP B 178 4.84 18.02 -23.37
N PHE B 179 4.37 17.89 -22.13
CA PHE B 179 2.93 17.83 -21.82
C PHE B 179 2.28 19.22 -21.86
N THR B 180 1.04 19.26 -22.35
CA THR B 180 0.23 20.47 -22.37
C THR B 180 -1.16 20.15 -21.82
N TYR B 181 -1.49 20.75 -20.67
CA TYR B 181 -2.72 20.41 -19.95
C TYR B 181 -3.66 21.59 -19.70
N ASN B 182 -4.95 21.29 -19.68
CA ASN B 182 -5.99 22.28 -19.42
C ASN B 182 -7.02 21.77 -18.42
N TYR B 183 -7.51 22.67 -17.55
CA TYR B 183 -8.52 22.32 -16.56
C TYR B 183 -9.92 22.50 -17.13
N THR B 184 -10.74 21.45 -17.01
CA THR B 184 -12.11 21.45 -17.54
C THR B 184 -13.14 21.08 -16.48
N LEU B 185 -14.36 21.58 -16.64
CA LEU B 185 -15.47 21.27 -15.75
C LEU B 185 -16.55 20.47 -16.48
N TRP B 186 -17.04 19.42 -15.84
CA TRP B 186 -18.07 18.56 -16.42
C TRP B 186 -19.27 18.43 -15.49
N THR B 187 -20.46 18.54 -16.06
CA THR B 187 -21.71 18.41 -15.31
C THR B 187 -22.59 17.30 -15.87
N ARG B 188 -23.51 16.79 -15.05
CA ARG B 188 -24.42 15.73 -15.46
C ARG B 188 -25.47 16.21 -16.45
N LYS B 189 -25.69 15.41 -17.49
CA LYS B 189 -26.65 15.74 -18.54
C LYS B 189 -28.08 15.45 -18.10
PA NDP C . 7.38 -18.00 18.55
O1A NDP C . 7.97 -19.11 17.78
O2A NDP C . 7.02 -16.87 17.67
O5B NDP C . 6.08 -18.50 19.36
C5B NDP C . 6.13 -19.62 20.22
C4B NDP C . 4.74 -19.85 20.76
O4B NDP C . 3.84 -20.13 19.69
C3B NDP C . 4.68 -21.04 21.71
O3B NDP C . 4.71 -20.60 23.05
C2B NDP C . 3.35 -21.71 21.37
O2B NDP C . 2.35 -21.22 22.24
C1B NDP C . 3.04 -21.26 19.96
N9A NDP C . 3.37 -22.34 19.00
C8A NDP C . 4.62 -22.71 18.58
N7A NDP C . 4.51 -23.73 17.70
C5A NDP C . 3.21 -24.03 17.55
C6A NDP C . 2.55 -24.99 16.77
N6A NDP C . 3.23 -25.81 16.00
N1A NDP C . 1.17 -25.06 16.82
C2A NDP C . 0.45 -24.19 17.63
N3A NDP C . 1.12 -23.25 18.40
C4A NDP C . 2.48 -23.16 18.36
O3 NDP C . 8.40 -17.51 19.71
PN NDP C . 9.93 -17.91 20.02
O1N NDP C . 10.29 -17.34 21.34
O2N NDP C . 10.09 -19.36 19.78
O5D NDP C . 10.73 -17.11 18.87
C5D NDP C . 10.76 -15.69 18.83
C4D NDP C . 12.20 -15.22 18.75
O4D NDP C . 12.64 -15.20 17.41
C3D NDP C . 12.35 -13.81 19.30
O3D NDP C . 13.30 -13.81 20.34
C2D NDP C . 12.81 -12.96 18.13
O2D NDP C . 13.92 -12.15 18.48
C1D NDP C . 13.20 -13.95 17.04
N1N NDP C . 12.71 -13.51 15.72
C2N NDP C . 13.61 -13.01 14.81
C3N NDP C . 13.19 -12.59 13.56
C7N NDP C . 14.20 -12.28 12.49
O7N NDP C . 13.95 -12.66 11.16
N7N NDP C . 15.33 -11.64 12.82
C4N NDP C . 11.85 -12.70 13.22
C5N NDP C . 10.94 -13.21 14.13
C6N NDP C . 11.39 -13.61 15.39
P2B NDP C . 1.05 -22.09 22.63
O1X NDP C . 0.14 -21.21 23.45
O2X NDP C . 0.32 -22.53 21.37
O3X NDP C . 1.46 -23.30 23.43
CAY 14Q D . 11.37 -6.70 10.16
CAH 14Q D . 12.28 -7.72 10.82
C4 14Q D . 12.22 -9.07 10.10
N3 14Q D . 13.08 -9.24 9.01
C2 14Q D . 13.11 -10.44 8.28
NAG 14Q D . 13.93 -10.58 7.25
N1 14Q D . 12.24 -11.48 8.64
C6 14Q D . 11.38 -11.31 9.73
NAI 14Q D . 10.56 -12.31 10.07
C5 14Q D . 11.37 -10.12 10.45
CAJ 14Q D . 10.46 -9.97 11.56
CAK 14Q D . 9.70 -9.86 12.51
CAL 14Q D . 8.77 -9.75 13.64
CAM 14Q D . 8.84 -8.38 14.31
CAR 14Q D . 8.68 -7.22 13.56
CAN 14Q D . 9.05 -8.30 15.68
CAO 14Q D . 9.12 -7.06 16.32
OAZ 14Q D . 9.33 -6.97 17.66
CBA 14Q D . 10.73 -6.90 18.01
CAP 14Q D . 8.97 -5.90 15.57
CAQ 14Q D . 8.75 -5.97 14.19
CAS 14Q D . 8.59 -4.81 13.44
CAX 14Q D . 7.35 -4.47 12.92
CAW 14Q D . 7.19 -3.31 12.16
OBB 14Q D . 6.09 -2.76 11.55
CBC 14Q D . 6.66 -1.88 10.57
OBD 14Q D . 7.87 -1.42 11.18
CAV 14Q D . 8.29 -2.48 11.93
CAU 14Q D . 9.54 -2.81 12.45
CAT 14Q D . 9.69 -3.98 13.20
PA NDP E . -7.06 2.72 -5.04
O1A NDP E . -8.19 2.96 -5.98
O2A NDP E . -6.99 3.78 -4.01
O5B NDP E . -7.21 1.27 -4.36
C5B NDP E . -8.48 0.70 -4.10
C4B NDP E . -8.65 0.54 -2.60
O4B NDP E . -9.80 1.25 -2.18
C3B NDP E . -8.85 -0.92 -2.23
O3B NDP E . -7.72 -1.40 -1.55
C2B NDP E . -10.09 -0.95 -1.34
O2B NDP E . -9.75 -1.19 0.00
C1B NDP E . -10.71 0.43 -1.47
N9A NDP E . -12.00 0.36 -2.21
C8A NDP E . -12.16 0.02 -3.53
N7A NDP E . -13.48 0.08 -3.82
C5A NDP E . -14.16 0.43 -2.71
C6A NDP E . -15.52 0.63 -2.46
N6A NDP E . -16.41 0.46 -3.43
N1A NDP E . -15.93 1.01 -1.20
C2A NDP E . -15.00 1.18 -0.19
N3A NDP E . -13.65 0.99 -0.45
C4A NDP E . -13.24 0.62 -1.68
O3 NDP E . -5.68 2.62 -5.86
PN NDP E . -5.33 1.89 -7.25
O1N NDP E . -4.09 1.10 -7.06
O2N NDP E . -6.55 1.22 -7.75
O5D NDP E . -5.00 3.12 -8.23
C5D NDP E . -3.97 4.04 -7.94
C4D NDP E . -3.32 4.51 -9.24
O4D NDP E . -4.04 5.62 -9.75
C3D NDP E . -1.87 4.94 -9.01
O3D NDP E . -1.03 4.16 -9.81
C2D NDP E . -1.82 6.40 -9.42
O2D NDP E . -0.77 6.64 -10.32
C1D NDP E . -3.17 6.69 -10.08
N1N NDP E . -3.72 7.99 -9.63
C2N NDP E . -3.66 9.06 -10.47
C3N NDP E . -4.16 10.30 -10.09
C7N NDP E . -4.20 11.44 -11.06
O7N NDP E . -5.29 12.35 -11.02
N7N NDP E . -3.21 11.59 -11.94
C4N NDP E . -4.74 10.45 -8.82
C5N NDP E . -4.79 9.35 -7.96
C6N NDP E . -4.28 8.12 -8.38
P2B NDP E . -9.86 -2.67 0.64
O1X NDP E . -9.49 -2.59 2.10
O2X NDP E . -11.28 -3.18 0.52
O3X NDP E . -8.92 -3.60 -0.06
CAY 14Q F . -1.72 16.26 -7.18
CAH 14Q F . -2.00 15.15 -8.20
C4 14Q F . -3.50 15.07 -8.52
N3 14Q F . -3.96 15.86 -9.58
C2 14Q F . -5.31 15.85 -9.96
NAG 14Q F . -5.73 16.60 -10.97
N1 14Q F . -6.21 15.03 -9.27
C6 14Q F . -5.75 14.24 -8.21
NAI 14Q F . -6.62 13.47 -7.57
C5 14Q F . -4.40 14.25 -7.84
CAJ 14Q F . -3.96 13.43 -6.75
CAK 14Q F . -3.60 12.72 -5.82
CAL 14Q F . -3.16 11.88 -4.70
CAM 14Q F . -1.72 12.21 -4.29
CAR 14Q F . -1.44 13.45 -3.70
CAN 14Q F . -0.70 11.28 -4.49
CAO 14Q F . 0.61 11.58 -4.11
OAZ 14Q F . 1.60 10.67 -4.31
CBA 14Q F . 2.23 10.80 -5.60
CAP 14Q F . 0.89 12.82 -3.52
CAQ 14Q F . -0.13 13.75 -3.32
CAS 14Q F . 0.16 14.98 -2.74
CAX 14Q F . 0.19 15.11 -1.35
CAW 14Q F . 0.47 16.34 -0.77
OBB 14Q F . 0.57 16.74 0.54
CBC 14Q F . 0.40 18.16 0.48
OBD 14Q F . 1.00 18.52 -0.77
CAV 14Q F . 0.74 17.45 -1.58
CAU 14Q F . 0.72 17.32 -2.97
CAT 14Q F . 0.42 16.08 -3.54
#